data_5Z9F
#
_entry.id   5Z9F
#
_cell.length_a   61.587
_cell.length_b   68.097
_cell.length_c   102.124
_cell.angle_alpha   90.00
_cell.angle_beta   90.00
_cell.angle_gamma   90.00
#
_symmetry.space_group_name_H-M   'P 21 21 21'
#
loop_
_entity.id
_entity.type
_entity.pdbx_description
1 polymer 'DNA gyrase subunit B'
2 non-polymer 'PHOSPHATE ION'
3 non-polymer 2-hydroxybenzonitrile
4 non-polymer 1H-benzimidazol-2-amine
5 water water
#
_entity_poly.entity_id   1
_entity_poly.type   'polypeptide(L)'
_entity_poly.pdbx_seq_one_letter_code
;GLDAVRKRPGMYIGDTDDGTGLHHMVFEVVDNAIDEALAGHCKEIIVTIHADNSVSVQDDGRGIPTGIHPEEGVSAAEVI
MTVLHAGGKFDDNSYKVSGGLHGVGVSVVNALSQKLELVIQREGKIHRQIYEHGVPQAPLAVTGETEKTGTMVRFWPSLE
TFTNVTEFEYEILAKRLRELSFLNSGVSIRLRDKRDGKEDHFHYEGG
;
_entity_poly.pdbx_strand_id   A,B
#
# COMPACT_ATOMS: atom_id res chain seq x y z
N LEU A 2 7.74 0.58 4.92
CA LEU A 2 7.32 1.71 4.04
C LEU A 2 5.97 2.36 4.40
N ASP A 3 5.17 1.75 5.28
CA ASP A 3 3.89 2.39 5.67
C ASP A 3 4.03 3.79 6.30
N ALA A 4 5.15 4.06 6.97
CA ALA A 4 5.42 5.42 7.48
C ALA A 4 5.52 6.47 6.36
N VAL A 5 6.09 6.08 5.22
CA VAL A 5 6.19 6.95 4.05
C VAL A 5 4.82 7.15 3.42
N ARG A 6 4.09 6.05 3.25
CA ARG A 6 2.78 6.10 2.62
C ARG A 6 1.83 6.97 3.45
N LYS A 7 1.99 6.94 4.77
CA LYS A 7 1.14 7.76 5.67
C LYS A 7 1.31 9.27 5.50
N ARG A 8 2.53 9.74 5.30
CA ARG A 8 2.78 11.18 5.12
C ARG A 8 3.85 11.39 4.06
N PRO A 9 3.48 11.16 2.78
CA PRO A 9 4.45 11.23 1.67
C PRO A 9 5.20 12.56 1.62
N GLY A 10 4.48 13.66 1.82
CA GLY A 10 5.06 15.02 1.82
C GLY A 10 6.20 15.27 2.76
N MET A 11 6.16 14.64 3.92
CA MET A 11 7.24 14.71 4.91
C MET A 11 8.54 14.02 4.45
N TYR A 12 8.45 13.08 3.50
CA TYR A 12 9.64 12.39 2.98
C TYR A 12 10.12 12.93 1.64
N ILE A 13 9.20 13.17 0.71
CA ILE A 13 9.57 13.52 -0.66
C ILE A 13 9.41 15.02 -0.97
N GLY A 14 8.65 15.75 -0.16
CA GLY A 14 8.34 17.15 -0.44
C GLY A 14 6.92 17.29 -0.97
N ASP A 15 6.50 18.52 -1.20
CA ASP A 15 5.09 18.85 -1.53
C ASP A 15 4.56 18.03 -2.70
N THR A 16 3.45 17.33 -2.47
CA THR A 16 2.89 16.40 -3.47
C THR A 16 1.85 17.04 -4.40
N ASP A 17 1.65 18.36 -4.31
CA ASP A 17 0.69 19.09 -5.13
C ASP A 17 1.29 20.13 -6.11
N ASP A 18 2.46 20.71 -5.79
CA ASP A 18 3.04 21.78 -6.62
C ASP A 18 4.18 21.35 -7.55
N GLY A 19 4.44 20.04 -7.63
CA GLY A 19 5.53 19.51 -8.45
C GLY A 19 6.84 19.25 -7.72
N THR A 20 7.02 19.82 -6.53
CA THR A 20 8.27 19.67 -5.78
C THR A 20 8.63 18.20 -5.50
N GLY A 21 7.69 17.50 -4.87
CA GLY A 21 7.88 16.09 -4.54
C GLY A 21 8.07 15.24 -5.78
N LEU A 22 7.26 15.51 -6.81
CA LEU A 22 7.29 14.74 -8.06
C LEU A 22 8.69 14.73 -8.64
N HIS A 23 9.29 15.91 -8.73
CA HIS A 23 10.64 16.05 -9.27
C HIS A 23 11.73 15.51 -8.35
N HIS A 24 11.55 15.67 -7.04
CA HIS A 24 12.43 15.07 -6.04
C HIS A 24 12.55 13.54 -6.19
N MET A 25 11.49 12.90 -6.66
CA MET A 25 11.51 11.44 -6.96
C MET A 25 12.66 11.12 -7.91
N VAL A 26 12.78 11.90 -8.98
CA VAL A 26 13.87 11.71 -9.94
C VAL A 26 15.22 11.96 -9.27
N PHE A 27 15.32 13.07 -8.54
CA PHE A 27 16.63 13.44 -7.96
C PHE A 27 17.14 12.40 -6.97
N GLU A 28 16.23 11.75 -6.22
CA GLU A 28 16.63 10.70 -5.29
C GLU A 28 17.24 9.51 -6.03
N VAL A 29 16.63 9.13 -7.13
CA VAL A 29 17.12 7.99 -7.92
C VAL A 29 18.47 8.34 -8.55
N VAL A 30 18.54 9.55 -9.10
CA VAL A 30 19.78 10.06 -9.69
C VAL A 30 20.95 10.06 -8.69
N ASP A 31 20.68 10.44 -7.44
CA ASP A 31 21.70 10.39 -6.39
C ASP A 31 22.34 9.01 -6.28
N ASN A 32 21.50 7.98 -6.27
CA ASN A 32 22.01 6.61 -6.20
C ASN A 32 22.74 6.21 -7.48
N ALA A 33 22.22 6.60 -8.63
CA ALA A 33 22.83 6.31 -9.93
C ALA A 33 24.21 6.95 -10.08
N ILE A 34 24.36 8.17 -9.57
CA ILE A 34 25.67 8.86 -9.59
C ILE A 34 26.70 8.11 -8.74
N ASP A 35 26.31 7.68 -7.53
CA ASP A 35 27.21 6.87 -6.70
C ASP A 35 27.67 5.62 -7.44
N GLU A 36 26.74 4.95 -8.12
CA GLU A 36 27.06 3.75 -8.90
C GLU A 36 28.02 4.04 -10.05
N ALA A 37 27.72 5.08 -10.81
CA ALA A 37 28.56 5.48 -11.93
C ALA A 37 29.98 5.86 -11.49
N LEU A 38 30.11 6.52 -10.34
CA LEU A 38 31.42 6.88 -9.77
C LEU A 38 32.33 5.67 -9.50
N ALA A 39 31.74 4.53 -9.14
CA ALA A 39 32.52 3.31 -8.83
C ALA A 39 32.90 2.45 -10.05
N GLY A 40 32.49 2.86 -11.26
CA GLY A 40 32.83 2.14 -12.51
C GLY A 40 33.75 2.93 -13.42
N HIS A 41 33.98 2.40 -14.62
CA HIS A 41 34.99 2.93 -15.55
C HIS A 41 34.46 4.04 -16.48
N CYS A 42 33.28 3.82 -17.07
CA CYS A 42 32.75 4.75 -18.10
C CYS A 42 32.06 6.01 -17.53
N LYS A 43 31.48 5.87 -16.33
CA LYS A 43 30.95 7.00 -15.54
C LYS A 43 29.86 7.80 -16.28
N GLU A 44 28.78 7.13 -16.66
CA GLU A 44 27.68 7.80 -17.38
C GLU A 44 26.33 7.35 -16.83
N ILE A 45 25.43 8.33 -16.71
CA ILE A 45 24.03 8.11 -16.36
CA ILE A 45 24.04 8.07 -16.38
C ILE A 45 23.13 8.67 -17.46
N ILE A 46 21.99 8.03 -17.69
CA ILE A 46 21.02 8.44 -18.69
C ILE A 46 19.68 8.57 -17.98
N VAL A 47 19.11 9.77 -18.03
CA VAL A 47 17.80 10.04 -17.45
C VAL A 47 16.84 10.27 -18.60
N THR A 48 15.76 9.49 -18.65
CA THR A 48 14.81 9.55 -19.75
C THR A 48 13.40 9.83 -19.23
N ILE A 49 12.75 10.84 -19.80
CA ILE A 49 11.34 11.09 -19.55
C ILE A 49 10.58 10.40 -20.68
N HIS A 50 9.80 9.38 -20.32
CA HIS A 50 9.03 8.61 -21.29
C HIS A 50 7.71 9.30 -21.59
N ALA A 51 7.12 8.92 -22.72
CA ALA A 51 5.85 9.50 -23.20
C ALA A 51 4.68 9.29 -22.24
N ASP A 52 4.70 8.17 -21.51
CA ASP A 52 3.68 7.81 -20.53
C ASP A 52 3.91 8.40 -19.12
N ASN A 53 4.75 9.43 -19.03
CA ASN A 53 5.00 10.16 -17.80
C ASN A 53 5.79 9.38 -16.73
N SER A 54 6.51 8.35 -17.14
CA SER A 54 7.45 7.65 -16.24
C SER A 54 8.84 8.19 -16.51
N VAL A 55 9.78 7.92 -15.60
CA VAL A 55 11.17 8.30 -15.78
C VAL A 55 12.03 7.08 -15.56
N SER A 56 13.06 6.92 -16.39
CA SER A 56 14.07 5.90 -16.13
C SER A 56 15.43 6.53 -15.91
N VAL A 57 16.19 5.92 -15.02
CA VAL A 57 17.56 6.32 -14.76
C VAL A 57 18.44 5.07 -14.93
N GLN A 58 19.38 5.14 -15.86
CA GLN A 58 20.33 4.07 -16.14
C GLN A 58 21.70 4.49 -15.70
N ASP A 59 22.44 3.59 -15.06
CA ASP A 59 23.88 3.80 -14.83
C ASP A 59 24.68 2.64 -15.42
N ASP A 60 25.96 2.88 -15.64
CA ASP A 60 26.90 1.86 -16.14
C ASP A 60 27.89 1.42 -15.05
N GLY A 61 27.43 1.42 -13.80
CA GLY A 61 28.21 0.97 -12.67
C GLY A 61 28.35 -0.54 -12.61
N ARG A 62 28.70 -1.05 -11.43
CA ARG A 62 28.95 -2.48 -11.24
C ARG A 62 27.67 -3.31 -11.14
N GLY A 63 26.51 -2.65 -11.00
CA GLY A 63 25.25 -3.33 -10.68
C GLY A 63 25.15 -3.41 -9.18
N ILE A 64 23.97 -3.08 -8.64
CA ILE A 64 23.78 -3.19 -7.19
C ILE A 64 23.75 -4.66 -6.77
N PRO A 65 24.18 -4.97 -5.53
CA PRO A 65 24.29 -6.39 -5.15
C PRO A 65 22.97 -7.15 -5.20
N THR A 66 23.06 -8.39 -5.68
CA THR A 66 21.89 -9.25 -5.91
C THR A 66 21.74 -10.39 -4.89
N GLY A 67 22.83 -10.77 -4.21
CA GLY A 67 22.79 -11.86 -3.24
C GLY A 67 21.88 -11.63 -2.06
N ILE A 68 21.48 -12.71 -1.40
CA ILE A 68 20.53 -12.65 -0.30
C ILE A 68 21.16 -11.94 0.89
N HIS A 69 20.44 -10.96 1.45
CA HIS A 69 20.84 -10.27 2.66
C HIS A 69 20.63 -11.24 3.84
N PRO A 70 21.72 -11.64 4.54
CA PRO A 70 21.59 -12.67 5.58
C PRO A 70 20.60 -12.34 6.72
N GLU A 71 20.51 -11.07 7.11
CA GLU A 71 19.48 -10.61 8.07
C GLU A 71 18.04 -10.58 7.52
N GLU A 72 17.84 -9.89 6.40
CA GLU A 72 16.49 -9.63 5.85
C GLU A 72 15.89 -10.84 5.12
N GLY A 73 16.74 -11.74 4.61
CA GLY A 73 16.29 -12.96 3.94
C GLY A 73 15.75 -12.77 2.53
N VAL A 74 16.05 -11.63 1.92
CA VAL A 74 15.70 -11.34 0.53
C VAL A 74 16.92 -10.73 -0.14
N SER A 75 16.88 -10.61 -1.46
N SER A 75 16.89 -10.62 -1.46
CA SER A 75 17.97 -10.01 -2.20
CA SER A 75 18.00 -10.03 -2.20
C SER A 75 18.37 -8.65 -1.64
C SER A 75 18.37 -8.66 -1.65
N ALA A 76 19.67 -8.36 -1.64
CA ALA A 76 20.18 -7.06 -1.17
C ALA A 76 19.57 -5.90 -1.96
N ALA A 77 19.32 -6.12 -3.24
CA ALA A 77 18.62 -5.15 -4.09
C ALA A 77 17.23 -4.84 -3.56
N GLU A 78 16.47 -5.87 -3.17
CA GLU A 78 15.14 -5.66 -2.58
C GLU A 78 15.21 -4.91 -1.24
N VAL A 79 16.24 -5.18 -0.45
CA VAL A 79 16.46 -4.44 0.80
C VAL A 79 16.63 -2.94 0.54
N ILE A 80 17.47 -2.59 -0.44
CA ILE A 80 17.65 -1.20 -0.88
C ILE A 80 16.31 -0.57 -1.33
N MET A 81 15.50 -1.34 -2.04
CA MET A 81 14.23 -0.82 -2.55
C MET A 81 13.08 -0.75 -1.53
N THR A 82 13.20 -1.41 -0.38
CA THR A 82 12.03 -1.56 0.54
C THR A 82 12.26 -1.21 2.02
N VAL A 83 13.50 -0.91 2.42
CA VAL A 83 13.83 -0.63 3.82
C VAL A 83 14.32 0.81 3.91
N LEU A 84 13.78 1.58 4.86
CA LEU A 84 14.21 2.97 5.07
C LEU A 84 15.63 3.06 5.63
N GLY A 103 19.26 12.79 1.98
CA GLY A 103 18.98 11.55 1.26
C GLY A 103 17.98 10.65 1.97
N VAL A 104 16.70 10.75 1.57
CA VAL A 104 15.65 9.87 2.12
C VAL A 104 15.72 8.41 1.64
N GLY A 105 16.42 8.16 0.53
CA GLY A 105 16.59 6.82 -0.02
C GLY A 105 15.59 6.49 -1.11
N VAL A 106 15.98 5.60 -2.01
CA VAL A 106 15.11 5.18 -3.11
C VAL A 106 13.92 4.34 -2.66
N SER A 107 13.95 3.82 -1.43
CA SER A 107 12.79 3.13 -0.90
C SER A 107 11.56 4.06 -0.84
N VAL A 108 11.79 5.35 -0.57
CA VAL A 108 10.72 6.34 -0.60
C VAL A 108 10.11 6.46 -2.00
N VAL A 109 10.99 6.53 -3.01
CA VAL A 109 10.54 6.63 -4.40
C VAL A 109 9.69 5.40 -4.75
N ASN A 110 10.17 4.24 -4.33
CA ASN A 110 9.47 2.98 -4.58
C ASN A 110 8.07 2.97 -3.94
N ALA A 111 8.01 3.34 -2.66
CA ALA A 111 6.73 3.41 -1.92
C ALA A 111 5.71 4.31 -2.63
N LEU A 112 6.18 5.38 -3.26
CA LEU A 112 5.33 6.39 -3.89
C LEU A 112 5.18 6.26 -5.42
N SER A 113 5.59 5.11 -5.95
CA SER A 113 5.43 4.79 -7.36
C SER A 113 4.37 3.71 -7.51
N GLN A 114 3.37 3.96 -8.36
CA GLN A 114 2.40 2.92 -8.71
C GLN A 114 3.03 1.71 -9.40
N LYS A 115 4.12 1.93 -10.14
CA LYS A 115 4.93 0.82 -10.66
C LYS A 115 6.39 1.22 -10.64
N LEU A 116 7.27 0.27 -10.37
CA LEU A 116 8.71 0.50 -10.51
C LEU A 116 9.38 -0.76 -11.02
N GLU A 117 10.18 -0.63 -12.07
CA GLU A 117 10.90 -1.75 -12.70
C GLU A 117 12.38 -1.58 -12.43
N LEU A 118 12.99 -2.62 -11.87
CA LEU A 118 14.41 -2.66 -11.56
C LEU A 118 15.09 -3.65 -12.49
N VAL A 119 16.21 -3.25 -13.11
CA VAL A 119 17.03 -4.16 -13.96
C VAL A 119 18.47 -4.02 -13.50
N ILE A 120 19.10 -5.14 -13.12
CA ILE A 120 20.48 -5.13 -12.66
C ILE A 120 21.31 -6.04 -13.54
N GLN A 121 22.40 -5.52 -14.10
CA GLN A 121 23.34 -6.31 -14.88
C GLN A 121 24.61 -6.45 -14.08
N ARG A 122 24.95 -7.68 -13.71
CA ARG A 122 26.02 -7.94 -12.75
C ARG A 122 26.48 -9.39 -12.85
N GLU A 123 27.78 -9.61 -12.76
CA GLU A 123 28.36 -10.97 -12.75
C GLU A 123 27.81 -11.86 -13.88
N GLY A 124 27.73 -11.27 -15.06
CA GLY A 124 27.30 -11.97 -16.27
C GLY A 124 25.81 -12.25 -16.44
N LYS A 125 24.96 -11.70 -15.56
CA LYS A 125 23.53 -12.01 -15.53
C LYS A 125 22.67 -10.74 -15.51
N ILE A 126 21.50 -10.83 -16.13
CA ILE A 126 20.48 -9.78 -16.06
C ILE A 126 19.50 -10.21 -14.99
N HIS A 127 19.16 -9.29 -14.10
CA HIS A 127 18.20 -9.56 -13.02
C HIS A 127 17.09 -8.54 -13.15
N ARG A 128 15.85 -8.97 -12.91
CA ARG A 128 14.68 -8.08 -13.02
C ARG A 128 13.75 -8.25 -11.85
N GLN A 129 13.10 -7.15 -11.49
CA GLN A 129 12.07 -7.16 -10.47
C GLN A 129 11.09 -6.00 -10.71
N ILE A 130 9.82 -6.26 -10.41
CA ILE A 130 8.76 -5.29 -10.52
C ILE A 130 8.15 -5.05 -9.16
N TYR A 131 7.91 -3.78 -8.86
CA TYR A 131 7.20 -3.37 -7.67
C TYR A 131 5.95 -2.60 -8.08
N GLU A 132 4.91 -2.69 -7.25
CA GLU A 132 3.75 -1.80 -7.35
C GLU A 132 3.48 -1.19 -5.98
N HIS A 133 3.51 0.14 -5.90
CA HIS A 133 3.36 0.84 -4.63
C HIS A 133 4.33 0.33 -3.54
N GLY A 134 5.54 -0.02 -3.97
CA GLY A 134 6.57 -0.51 -3.07
C GLY A 134 6.54 -1.99 -2.74
N VAL A 135 5.56 -2.72 -3.25
CA VAL A 135 5.38 -4.13 -2.97
C VAL A 135 6.00 -4.95 -4.10
N PRO A 136 7.02 -5.78 -3.80
CA PRO A 136 7.59 -6.62 -4.87
C PRO A 136 6.55 -7.60 -5.40
N GLN A 137 6.48 -7.75 -6.71
CA GLN A 137 5.52 -8.67 -7.32
C GLN A 137 6.04 -10.10 -7.37
N ALA A 138 7.37 -10.24 -7.33
CA ALA A 138 8.05 -11.53 -7.21
C ALA A 138 9.48 -11.24 -6.73
N PRO A 139 10.21 -12.27 -6.29
CA PRO A 139 11.61 -12.05 -5.91
C PRO A 139 12.47 -11.63 -7.09
N LEU A 140 13.56 -10.90 -6.82
CA LEU A 140 14.54 -10.58 -7.86
C LEU A 140 14.95 -11.87 -8.57
N ALA A 141 14.91 -11.86 -9.89
CA ALA A 141 15.04 -13.08 -10.68
C ALA A 141 16.01 -12.87 -11.83
N VAL A 142 16.83 -13.89 -12.08
CA VAL A 142 17.75 -13.88 -13.22
C VAL A 142 16.93 -14.17 -14.48
N THR A 143 17.04 -13.31 -15.48
CA THR A 143 16.25 -13.42 -16.71
C THR A 143 17.11 -13.64 -17.95
N GLY A 144 18.43 -13.67 -17.83
CA GLY A 144 19.29 -13.75 -19.00
C GLY A 144 20.75 -13.52 -18.68
N GLU A 145 21.57 -13.57 -19.73
CA GLU A 145 23.01 -13.35 -19.66
C GLU A 145 23.35 -12.04 -20.31
N THR A 146 24.48 -11.47 -19.90
CA THR A 146 24.95 -10.17 -20.41
C THR A 146 26.43 -9.99 -20.16
N GLU A 147 27.09 -9.28 -21.06
CA GLU A 147 28.48 -8.85 -20.88
C GLU A 147 28.56 -7.51 -20.15
N LYS A 148 27.44 -6.78 -20.08
CA LYS A 148 27.41 -5.42 -19.52
C LYS A 148 27.17 -5.43 -18.01
N THR A 149 27.44 -4.29 -17.37
CA THR A 149 27.14 -4.09 -15.96
C THR A 149 26.39 -2.77 -15.79
N GLY A 150 25.57 -2.69 -14.75
CA GLY A 150 24.84 -1.47 -14.46
C GLY A 150 23.51 -1.73 -13.79
N THR A 151 22.84 -0.64 -13.42
CA THR A 151 21.53 -0.68 -12.80
C THR A 151 20.61 0.30 -13.55
N MET A 152 19.38 -0.14 -13.77
CA MET A 152 18.35 0.69 -14.38
C MET A 152 17.10 0.62 -13.53
N VAL A 153 16.49 1.77 -13.28
CA VAL A 153 15.21 1.85 -12.58
C VAL A 153 14.29 2.71 -13.43
N ARG A 154 13.09 2.21 -13.72
CA ARG A 154 12.04 3.02 -14.35
C ARG A 154 10.86 3.07 -13.39
N PHE A 155 10.33 4.27 -13.14
CA PHE A 155 9.25 4.39 -12.19
C PHE A 155 8.11 5.26 -12.69
N TRP A 156 6.91 4.89 -12.28
CA TRP A 156 5.67 5.58 -12.63
C TRP A 156 5.16 6.19 -11.33
N PRO A 157 5.29 7.52 -11.16
CA PRO A 157 4.82 8.15 -9.91
C PRO A 157 3.35 7.85 -9.66
N SER A 158 2.98 7.58 -8.42
CA SER A 158 1.59 7.27 -8.08
C SER A 158 0.72 8.52 -8.21
N LEU A 159 -0.28 8.45 -9.09
CA LEU A 159 -1.26 9.53 -9.25
C LEU A 159 -2.30 9.56 -8.13
N GLU A 160 -2.25 8.59 -7.21
CA GLU A 160 -2.95 8.69 -5.92
C GLU A 160 -2.27 9.68 -4.98
N THR A 161 -0.94 9.75 -5.05
CA THR A 161 -0.13 10.66 -4.22
C THR A 161 0.08 12.02 -4.87
N PHE A 162 0.55 12.03 -6.11
CA PHE A 162 0.95 13.28 -6.77
C PHE A 162 -0.21 13.88 -7.55
N THR A 163 -0.64 15.06 -7.14
CA THR A 163 -1.84 15.72 -7.69
C THR A 163 -1.47 17.04 -8.34
N ASN A 164 -2.39 17.55 -9.17
CA ASN A 164 -2.24 18.84 -9.86
C ASN A 164 -1.09 18.82 -10.88
N VAL A 165 0.15 18.93 -10.41
CA VAL A 165 1.33 18.76 -11.29
C VAL A 165 1.69 17.28 -11.29
N THR A 166 1.29 16.59 -12.35
CA THR A 166 1.51 15.16 -12.52
C THR A 166 2.48 14.83 -13.65
N GLU A 167 2.90 15.84 -14.41
CA GLU A 167 3.79 15.65 -15.55
C GLU A 167 5.16 16.27 -15.25
N PHE A 168 6.21 15.62 -15.72
CA PHE A 168 7.57 16.11 -15.53
C PHE A 168 7.87 17.29 -16.44
N GLU A 169 8.30 18.40 -15.84
CA GLU A 169 8.94 19.51 -16.54
C GLU A 169 10.43 19.28 -16.82
N TYR A 170 10.76 19.19 -18.10
CA TYR A 170 12.14 19.03 -18.57
C TYR A 170 13.14 20.00 -17.94
N GLU A 171 12.77 21.27 -17.88
CA GLU A 171 13.66 22.35 -17.41
C GLU A 171 14.04 22.21 -15.94
N ILE A 172 13.12 21.67 -15.13
CA ILE A 172 13.39 21.45 -13.70
C ILE A 172 14.43 20.34 -13.54
N LEU A 173 14.26 19.27 -14.31
CA LEU A 173 15.24 18.18 -14.29
C LEU A 173 16.59 18.65 -14.83
N ALA A 174 16.59 19.36 -15.95
CA ALA A 174 17.83 19.83 -16.57
C ALA A 174 18.64 20.75 -15.64
N LYS A 175 17.95 21.66 -14.95
CA LYS A 175 18.58 22.58 -14.02
C LYS A 175 19.39 21.83 -12.95
N ARG A 176 18.76 20.83 -12.33
CA ARG A 176 19.39 20.06 -11.26
C ARG A 176 20.52 19.18 -11.76
N LEU A 177 20.31 18.52 -12.90
CA LEU A 177 21.32 17.65 -13.47
C LEU A 177 22.57 18.45 -13.89
N ARG A 178 22.36 19.68 -14.37
CA ARG A 178 23.49 20.58 -14.67
C ARG A 178 24.31 20.86 -13.41
N GLU A 179 23.65 21.24 -12.32
CA GLU A 179 24.33 21.47 -11.02
C GLU A 179 25.13 20.23 -10.61
N LEU A 180 24.51 19.06 -10.72
CA LEU A 180 25.16 17.79 -10.36
C LEU A 180 26.39 17.47 -11.22
N SER A 181 26.35 17.83 -12.49
CA SER A 181 27.47 17.57 -13.41
C SER A 181 28.74 18.34 -13.01
N PHE A 182 28.58 19.56 -12.51
CA PHE A 182 29.72 20.32 -12.00
C PHE A 182 30.29 19.72 -10.73
N LEU A 183 29.40 19.35 -9.82
CA LEU A 183 29.83 18.77 -8.55
C LEU A 183 30.46 17.41 -8.77
N ASN A 184 29.85 16.59 -9.62
CA ASN A 184 30.36 15.27 -9.96
C ASN A 184 31.03 15.36 -11.32
N SER A 185 32.14 16.06 -11.34
CA SER A 185 32.86 16.32 -12.58
C SER A 185 33.44 15.00 -13.06
N GLY A 186 33.48 14.79 -14.36
CA GLY A 186 33.85 13.46 -14.87
C GLY A 186 32.77 12.39 -14.81
N VAL A 187 31.56 12.70 -14.32
CA VAL A 187 30.40 11.84 -14.58
C VAL A 187 29.59 12.46 -15.70
N SER A 188 29.32 11.68 -16.74
CA SER A 188 28.50 12.12 -17.86
C SER A 188 27.02 11.94 -17.50
N ILE A 189 26.22 12.99 -17.72
CA ILE A 189 24.76 12.92 -17.49
C ILE A 189 24.02 13.27 -18.78
N ARG A 190 23.29 12.30 -19.31
CA ARG A 190 22.44 12.53 -20.48
C ARG A 190 20.97 12.64 -20.03
N LEU A 191 20.28 13.65 -20.54
CA LEU A 191 18.85 13.82 -20.29
C LEU A 191 18.14 13.73 -21.63
N ARG A 192 17.10 12.91 -21.71
CA ARG A 192 16.34 12.69 -22.95
C ARG A 192 14.83 12.78 -22.66
N ASP A 193 14.11 13.55 -23.47
CA ASP A 193 12.67 13.66 -23.36
C ASP A 193 12.05 13.02 -24.60
N LYS A 194 11.40 11.88 -24.42
CA LYS A 194 10.77 11.16 -25.53
C LYS A 194 9.42 11.75 -25.94
N ARG A 195 8.91 12.73 -25.20
CA ARG A 195 7.64 13.40 -25.53
C ARG A 195 7.79 14.37 -26.71
N ASP A 196 8.90 15.12 -26.72
CA ASP A 196 9.17 16.12 -27.77
C ASP A 196 10.56 16.02 -28.42
N GLY A 197 11.35 15.00 -28.06
CA GLY A 197 12.69 14.81 -28.60
C GLY A 197 13.83 15.66 -28.02
N LYS A 198 13.54 16.51 -27.03
CA LYS A 198 14.57 17.37 -26.42
C LYS A 198 15.62 16.53 -25.71
N GLU A 199 16.87 16.98 -25.77
CA GLU A 199 17.97 16.26 -25.13
C GLU A 199 19.10 17.18 -24.72
N ASP A 200 19.83 16.76 -23.69
CA ASP A 200 21.00 17.48 -23.21
C ASP A 200 22.07 16.50 -22.77
N HIS A 201 23.30 16.98 -22.78
CA HIS A 201 24.44 16.20 -22.33
C HIS A 201 25.30 17.07 -21.41
N PHE A 202 25.19 16.80 -20.11
CA PHE A 202 25.96 17.53 -19.11
C PHE A 202 27.21 16.75 -18.77
N HIS A 203 28.36 17.36 -19.02
CA HIS A 203 29.64 16.77 -18.72
C HIS A 203 30.66 17.90 -18.54
N TYR A 204 31.29 17.94 -17.36
CA TYR A 204 32.27 18.98 -17.04
C TYR A 204 33.68 18.52 -17.41
N LEU B 2 2.40 -3.98 7.53
CA LEU B 2 1.48 -4.67 6.59
C LEU B 2 2.11 -5.12 5.26
N ASP B 3 3.33 -4.68 4.94
CA ASP B 3 3.99 -5.11 3.69
C ASP B 3 4.19 -6.64 3.56
N ALA B 4 4.34 -7.35 4.69
CA ALA B 4 4.41 -8.81 4.65
C ALA B 4 3.12 -9.43 4.09
N VAL B 5 1.97 -8.86 4.45
CA VAL B 5 0.67 -9.33 3.95
C VAL B 5 0.50 -8.96 2.47
N ARG B 6 0.91 -7.74 2.12
CA ARG B 6 0.84 -7.28 0.74
C ARG B 6 1.70 -8.13 -0.20
N LYS B 7 2.88 -8.56 0.27
CA LYS B 7 3.79 -9.41 -0.54
C LYS B 7 3.19 -10.77 -0.92
N ARG B 8 2.42 -11.38 -0.02
CA ARG B 8 1.84 -12.69 -0.26
C ARG B 8 0.44 -12.79 0.36
N PRO B 9 -0.57 -12.13 -0.25
CA PRO B 9 -1.91 -12.06 0.33
C PRO B 9 -2.56 -13.40 0.59
N GLY B 10 -2.42 -14.32 -0.37
CA GLY B 10 -2.98 -15.67 -0.27
C GLY B 10 -2.57 -16.45 0.97
N MET B 11 -1.37 -16.21 1.46
CA MET B 11 -0.86 -16.88 2.67
C MET B 11 -1.53 -16.40 3.96
N TYR B 12 -2.17 -15.23 3.91
CA TYR B 12 -2.90 -14.67 5.04
C TYR B 12 -4.41 -14.84 4.94
N ILE B 13 -4.99 -14.59 3.76
CA ILE B 13 -6.45 -14.54 3.60
C ILE B 13 -7.08 -15.77 2.92
N GLY B 14 -6.25 -16.60 2.28
CA GLY B 14 -6.73 -17.72 1.48
C GLY B 14 -6.79 -17.39 0.00
N ASP B 15 -7.42 -18.27 -0.78
CA ASP B 15 -7.40 -18.16 -2.23
C ASP B 15 -8.10 -16.88 -2.68
N THR B 16 -7.36 -16.05 -3.41
CA THR B 16 -7.86 -14.75 -3.85
C THR B 16 -8.54 -14.76 -5.24
N ASP B 17 -8.66 -15.94 -5.85
CA ASP B 17 -9.27 -16.09 -7.19
C ASP B 17 -10.62 -16.83 -7.21
N ASP B 18 -10.91 -17.67 -6.20
CA ASP B 18 -12.13 -18.50 -6.22
C ASP B 18 -13.25 -18.04 -5.28
N GLY B 19 -13.07 -16.89 -4.63
CA GLY B 19 -14.09 -16.33 -3.74
C GLY B 19 -13.93 -16.68 -2.27
N THR B 20 -13.17 -17.70 -1.93
CA THR B 20 -13.06 -18.13 -0.52
C THR B 20 -12.38 -17.04 0.32
N GLY B 21 -11.26 -16.52 -0.18
CA GLY B 21 -10.55 -15.40 0.46
C GLY B 21 -11.42 -14.16 0.60
N LEU B 22 -12.17 -13.83 -0.45
CA LEU B 22 -13.08 -12.68 -0.44
C LEU B 22 -14.11 -12.77 0.70
N HIS B 23 -14.70 -13.95 0.86
CA HIS B 23 -15.68 -14.16 1.93
C HIS B 23 -15.05 -14.24 3.31
N HIS B 24 -13.84 -14.79 3.39
CA HIS B 24 -13.07 -14.81 4.63
C HIS B 24 -12.86 -13.39 5.16
N MET B 25 -12.75 -12.40 4.27
CA MET B 25 -12.67 -10.98 4.70
C MET B 25 -13.84 -10.56 5.61
N VAL B 26 -15.06 -10.89 5.17
CA VAL B 26 -16.28 -10.58 5.94
C VAL B 26 -16.28 -11.35 7.26
N PHE B 27 -15.94 -12.64 7.21
CA PHE B 27 -16.01 -13.48 8.41
C PHE B 27 -15.03 -13.03 9.49
N GLU B 28 -13.85 -12.53 9.08
CA GLU B 28 -12.89 -11.99 10.03
CA GLU B 28 -12.87 -11.98 10.02
C GLU B 28 -13.46 -10.75 10.72
N VAL B 29 -14.08 -9.86 9.96
CA VAL B 29 -14.69 -8.66 10.56
C VAL B 29 -15.83 -9.07 11.48
N VAL B 30 -16.66 -10.02 11.05
CA VAL B 30 -17.80 -10.48 11.86
C VAL B 30 -17.32 -11.08 13.18
N ASP B 31 -16.23 -11.84 13.16
CA ASP B 31 -15.68 -12.43 14.41
C ASP B 31 -15.34 -11.35 15.44
N ASN B 32 -14.72 -10.26 15.00
CA ASN B 32 -14.40 -9.14 15.88
C ASN B 32 -15.66 -8.43 16.37
N ALA B 33 -16.63 -8.24 15.49
CA ALA B 33 -17.91 -7.62 15.84
C ALA B 33 -18.68 -8.44 16.89
N ILE B 34 -18.73 -9.75 16.71
CA ILE B 34 -19.33 -10.65 17.72
C ILE B 34 -18.64 -10.54 19.07
N ASP B 35 -17.31 -10.53 19.08
CA ASP B 35 -16.55 -10.29 20.32
C ASP B 35 -16.95 -8.97 20.98
N GLU B 36 -17.08 -7.90 20.18
CA GLU B 36 -17.53 -6.61 20.70
C GLU B 36 -18.94 -6.65 21.25
N ALA B 37 -19.84 -7.31 20.52
CA ALA B 37 -21.25 -7.37 20.91
C ALA B 37 -21.46 -8.15 22.21
N LEU B 38 -20.66 -9.20 22.43
CA LEU B 38 -20.74 -10.05 23.64
C LEU B 38 -20.47 -9.29 24.96
N ALA B 39 -19.65 -8.25 24.91
CA ALA B 39 -19.27 -7.49 26.11
C ALA B 39 -20.34 -6.52 26.65
N GLY B 40 -21.50 -6.43 25.98
CA GLY B 40 -22.67 -5.69 26.48
C GLY B 40 -23.90 -6.58 26.66
N HIS B 41 -25.01 -5.96 27.03
CA HIS B 41 -26.26 -6.68 27.33
C HIS B 41 -27.17 -6.80 26.10
N CYS B 42 -27.41 -5.70 25.43
CA CYS B 42 -28.29 -5.72 24.25
C CYS B 42 -27.83 -6.50 23.01
N LYS B 43 -26.55 -6.67 22.82
CA LYS B 43 -25.90 -7.32 21.71
C LYS B 43 -26.55 -7.43 20.35
N GLU B 44 -26.19 -6.54 19.43
CA GLU B 44 -26.60 -6.64 18.03
C GLU B 44 -25.45 -6.36 17.04
N ILE B 45 -25.41 -7.14 15.97
CA ILE B 45 -24.54 -6.87 14.83
CA ILE B 45 -24.54 -6.81 14.84
C ILE B 45 -25.39 -6.76 13.58
N ILE B 46 -25.01 -5.87 12.67
CA ILE B 46 -25.69 -5.73 11.39
C ILE B 46 -24.63 -5.84 10.30
N VAL B 47 -24.82 -6.79 9.40
CA VAL B 47 -23.95 -7.02 8.25
C VAL B 47 -24.74 -6.59 7.02
N THR B 48 -24.20 -5.64 6.27
CA THR B 48 -24.86 -5.11 5.08
C THR B 48 -23.98 -5.26 3.85
N ILE B 49 -24.52 -5.91 2.82
CA ILE B 49 -23.88 -5.93 1.51
C ILE B 49 -24.43 -4.71 0.78
N HIS B 50 -23.54 -3.78 0.43
CA HIS B 50 -23.94 -2.57 -0.26
C HIS B 50 -23.96 -2.81 -1.76
N ALA B 51 -24.63 -1.91 -2.47
CA ALA B 51 -24.79 -2.00 -3.93
C ALA B 51 -23.47 -1.87 -4.69
N ASP B 52 -22.48 -1.20 -4.09
CA ASP B 52 -21.13 -1.08 -4.67
C ASP B 52 -20.20 -2.27 -4.33
N ASN B 53 -20.77 -3.38 -3.86
CA ASN B 53 -20.04 -4.58 -3.43
C ASN B 53 -19.00 -4.38 -2.31
N SER B 54 -19.22 -3.35 -1.48
CA SER B 54 -18.58 -3.24 -0.17
C SER B 54 -19.48 -3.91 0.86
N VAL B 55 -18.92 -4.17 2.03
CA VAL B 55 -19.67 -4.78 3.13
C VAL B 55 -19.39 -3.93 4.37
N SER B 56 -20.43 -3.64 5.14
CA SER B 56 -20.27 -3.00 6.44
C SER B 56 -20.70 -3.95 7.54
N VAL B 57 -20.00 -3.87 8.66
CA VAL B 57 -20.38 -4.62 9.86
C VAL B 57 -20.46 -3.61 10.99
N GLN B 58 -21.64 -3.50 11.60
CA GLN B 58 -21.89 -2.60 12.74
C GLN B 58 -22.06 -3.46 13.97
N ASP B 59 -21.52 -3.03 15.10
CA ASP B 59 -21.85 -3.62 16.40
C ASP B 59 -22.25 -2.51 17.36
N ASP B 60 -23.00 -2.88 18.39
CA ASP B 60 -23.38 -1.94 19.44
C ASP B 60 -22.60 -2.18 20.74
N GLY B 61 -21.35 -2.60 20.60
CA GLY B 61 -20.47 -2.84 21.73
C GLY B 61 -19.97 -1.53 22.32
N ARG B 62 -18.89 -1.60 23.07
CA ARG B 62 -18.37 -0.45 23.80
C ARG B 62 -17.60 0.54 22.94
N GLY B 63 -17.29 0.16 21.69
CA GLY B 63 -16.41 0.95 20.84
C GLY B 63 -14.97 0.53 21.10
N ILE B 64 -14.22 0.27 20.03
CA ILE B 64 -12.80 -0.05 20.23
C ILE B 64 -12.05 1.17 20.79
N PRO B 65 -11.00 0.93 21.59
CA PRO B 65 -10.35 2.07 22.23
C PRO B 65 -9.74 3.05 21.23
N THR B 66 -9.80 4.33 21.59
CA THR B 66 -9.42 5.44 20.70
C THR B 66 -8.22 6.24 21.20
N GLY B 67 -7.83 6.09 22.47
CA GLY B 67 -6.72 6.83 23.03
C GLY B 67 -5.40 6.52 22.37
N ILE B 68 -4.47 7.47 22.41
CA ILE B 68 -3.18 7.32 21.75
C ILE B 68 -2.39 6.23 22.47
N HIS B 69 -1.89 5.26 21.71
CA HIS B 69 -1.08 4.17 22.23
C HIS B 69 0.30 4.73 22.59
N PRO B 70 0.73 4.59 23.87
CA PRO B 70 1.97 5.26 24.32
C PRO B 70 3.24 4.95 23.50
N GLU B 71 3.42 3.69 23.11
CA GLU B 71 4.54 3.27 22.24
C GLU B 71 4.40 3.72 20.78
N GLU B 72 3.33 3.25 20.12
CA GLU B 72 3.13 3.44 18.68
C GLU B 72 2.84 4.88 18.28
N GLY B 73 2.33 5.68 19.22
CA GLY B 73 2.11 7.11 19.01
C GLY B 73 0.92 7.44 18.14
N VAL B 74 0.00 6.49 17.97
CA VAL B 74 -1.23 6.72 17.24
C VAL B 74 -2.37 6.09 18.04
N SER B 75 -3.60 6.44 17.65
CA SER B 75 -4.79 5.89 18.30
CA SER B 75 -4.78 5.89 18.31
C SER B 75 -4.72 4.36 18.39
N ALA B 76 -5.16 3.81 19.53
CA ALA B 76 -5.25 2.36 19.69
C ALA B 76 -6.05 1.71 18.56
N ALA B 77 -7.09 2.39 18.08
CA ALA B 77 -7.88 1.90 16.94
C ALA B 77 -7.01 1.72 15.70
N GLU B 78 -6.16 2.71 15.41
CA GLU B 78 -5.22 2.60 14.28
C GLU B 78 -4.24 1.46 14.46
N VAL B 79 -3.77 1.24 15.70
CA VAL B 79 -2.88 0.11 15.98
C VAL B 79 -3.59 -1.22 15.62
N ILE B 80 -4.84 -1.37 16.06
CA ILE B 80 -5.65 -2.55 15.75
C ILE B 80 -5.77 -2.77 14.23
N MET B 81 -5.97 -1.68 13.49
CA MET B 81 -6.18 -1.75 12.05
C MET B 81 -4.89 -1.90 11.21
N THR B 82 -3.71 -1.64 11.79
CA THR B 82 -2.44 -1.58 11.01
C THR B 82 -1.27 -2.43 11.50
N VAL B 83 -1.40 -3.11 12.64
CA VAL B 83 -0.31 -3.90 13.20
C VAL B 83 -0.70 -5.37 13.19
N LEU B 84 0.18 -6.19 12.62
CA LEU B 84 -0.09 -7.60 12.33
C LEU B 84 0.02 -8.48 13.59
N GLY B 103 -8.20 -16.76 13.13
CA GLY B 103 -8.11 -15.34 13.50
C GLY B 103 -6.89 -14.65 12.91
N VAL B 104 -6.98 -14.31 11.63
CA VAL B 104 -5.87 -13.66 10.90
C VAL B 104 -5.74 -12.17 11.24
N GLY B 105 -6.79 -11.59 11.81
CA GLY B 105 -6.78 -10.21 12.29
C GLY B 105 -7.38 -9.25 11.28
N VAL B 106 -7.97 -8.17 11.78
CA VAL B 106 -8.61 -7.19 10.90
C VAL B 106 -7.58 -6.35 10.14
N SER B 107 -6.34 -6.31 10.64
CA SER B 107 -5.26 -5.61 9.91
C SER B 107 -5.02 -6.23 8.51
N VAL B 108 -5.19 -7.55 8.39
CA VAL B 108 -5.14 -8.24 7.08
C VAL B 108 -6.29 -7.75 6.18
N VAL B 109 -7.50 -7.70 6.72
CA VAL B 109 -8.65 -7.20 5.97
C VAL B 109 -8.39 -5.77 5.47
N ASN B 110 -7.87 -4.95 6.37
CA ASN B 110 -7.56 -3.57 6.03
C ASN B 110 -6.50 -3.51 4.92
N ALA B 111 -5.42 -4.28 5.06
CA ALA B 111 -4.34 -4.28 4.03
C ALA B 111 -4.85 -4.65 2.65
N LEU B 112 -5.80 -5.59 2.60
CA LEU B 112 -6.33 -6.10 1.35
C LEU B 112 -7.65 -5.43 0.91
N SER B 113 -7.96 -4.27 1.49
CA SER B 113 -9.11 -3.46 1.09
C SER B 113 -8.62 -2.19 0.43
N GLN B 114 -9.13 -1.89 -0.76
CA GLN B 114 -8.80 -0.64 -1.43
C GLN B 114 -9.34 0.59 -0.69
N LYS B 115 -10.41 0.42 0.06
CA LYS B 115 -10.90 1.45 0.98
C LYS B 115 -11.48 0.78 2.21
N LEU B 116 -11.29 1.40 3.36
CA LEU B 116 -11.93 0.94 4.60
C LEU B 116 -12.29 2.15 5.44
N GLU B 117 -13.54 2.18 5.90
CA GLU B 117 -14.06 3.27 6.71
C GLU B 117 -14.32 2.74 8.11
N LEU B 118 -13.80 3.45 9.10
CA LEU B 118 -13.94 3.09 10.50
C LEU B 118 -14.74 4.18 11.22
N VAL B 119 -15.79 3.79 11.95
CA VAL B 119 -16.57 4.73 12.76
C VAL B 119 -16.75 4.11 14.15
N ILE B 120 -16.28 4.81 15.16
CA ILE B 120 -16.33 4.34 16.55
C ILE B 120 -17.13 5.35 17.36
N GLN B 121 -18.14 4.85 18.06
CA GLN B 121 -18.93 5.67 18.96
C GLN B 121 -18.57 5.25 20.39
N ARG B 122 -18.08 6.20 21.18
CA ARG B 122 -17.50 5.86 22.48
C ARG B 122 -17.31 7.13 23.30
N GLU B 123 -17.63 7.07 24.60
CA GLU B 123 -17.44 8.20 25.52
C GLU B 123 -18.12 9.49 25.02
N GLY B 124 -19.29 9.31 24.42
CA GLY B 124 -20.09 10.41 23.90
C GLY B 124 -19.63 11.06 22.60
N LYS B 125 -18.63 10.46 21.94
CA LYS B 125 -18.01 11.02 20.75
C LYS B 125 -18.03 10.07 19.56
N ILE B 126 -18.19 10.63 18.38
CA ILE B 126 -18.07 9.91 17.10
C ILE B 126 -16.65 10.10 16.61
N HIS B 127 -15.97 9.00 16.32
CA HIS B 127 -14.62 9.00 15.80
C HIS B 127 -14.65 8.39 14.40
N ARG B 128 -13.95 9.01 13.45
CA ARG B 128 -13.95 8.57 12.07
C ARG B 128 -12.55 8.50 11.51
N GLN B 129 -12.29 7.48 10.70
CA GLN B 129 -11.02 7.35 9.99
C GLN B 129 -11.23 6.57 8.69
N ILE B 130 -10.49 6.95 7.66
CA ILE B 130 -10.52 6.26 6.37
C ILE B 130 -9.14 5.70 6.08
N TYR B 131 -9.12 4.48 5.53
CA TYR B 131 -7.89 3.84 5.06
C TYR B 131 -8.04 3.51 3.57
N GLU B 132 -6.91 3.50 2.87
CA GLU B 132 -6.85 2.98 1.49
C GLU B 132 -5.66 2.03 1.40
N HIS B 133 -5.94 0.77 1.06
CA HIS B 133 -4.91 -0.28 1.04
C HIS B 133 -4.13 -0.36 2.35
N GLY B 134 -4.83 -0.16 3.46
CA GLY B 134 -4.22 -0.25 4.79
C GLY B 134 -3.55 1.00 5.31
N VAL B 135 -3.49 2.05 4.48
CA VAL B 135 -2.81 3.30 4.79
C VAL B 135 -3.85 4.29 5.32
N PRO B 136 -3.71 4.75 6.58
CA PRO B 136 -4.67 5.75 7.05
C PRO B 136 -4.52 7.07 6.29
N GLN B 137 -5.64 7.68 5.91
CA GLN B 137 -5.63 8.94 5.15
C GLN B 137 -5.48 10.17 6.03
N ALA B 138 -5.80 9.99 7.31
CA ALA B 138 -5.61 11.01 8.31
C ALA B 138 -5.67 10.30 9.67
N PRO B 139 -5.18 10.94 10.73
CA PRO B 139 -5.35 10.36 12.07
C PRO B 139 -6.82 10.23 12.48
N LEU B 140 -7.13 9.27 13.34
CA LEU B 140 -8.48 9.12 13.86
C LEU B 140 -8.94 10.47 14.41
N ALA B 141 -10.15 10.89 14.04
CA ALA B 141 -10.67 12.21 14.38
C ALA B 141 -12.03 12.14 15.06
N VAL B 142 -12.22 12.94 16.11
CA VAL B 142 -13.55 13.15 16.68
C VAL B 142 -14.26 14.15 15.78
N THR B 143 -15.39 13.73 15.23
CA THR B 143 -16.17 14.52 14.27
C THR B 143 -17.53 14.97 14.81
N GLY B 144 -17.95 14.43 15.95
CA GLY B 144 -19.27 14.76 16.47
C GLY B 144 -19.60 14.11 17.79
N GLU B 145 -20.87 14.17 18.15
CA GLU B 145 -21.38 13.65 19.42
C GLU B 145 -22.41 12.56 19.21
N THR B 146 -22.57 11.72 20.21
CA THR B 146 -23.48 10.59 20.16
C THR B 146 -23.78 10.12 21.58
N GLU B 147 -24.96 9.56 21.81
CA GLU B 147 -25.26 8.89 23.07
C GLU B 147 -25.22 7.36 22.93
N LYS B 148 -24.86 6.87 21.75
CA LYS B 148 -24.74 5.44 21.47
C LYS B 148 -23.28 5.02 21.53
N THR B 149 -23.06 3.71 21.56
CA THR B 149 -21.72 3.14 21.51
C THR B 149 -21.67 2.06 20.45
N GLY B 150 -20.47 1.79 19.96
CA GLY B 150 -20.26 0.72 18.99
C GLY B 150 -19.18 1.03 17.97
N THR B 151 -18.89 0.03 17.14
CA THR B 151 -17.88 0.12 16.10
C THR B 151 -18.49 -0.30 14.78
N MET B 152 -18.22 0.46 13.72
CA MET B 152 -18.64 0.12 12.39
C MET B 152 -17.41 0.10 11.48
N VAL B 153 -17.27 -0.96 10.69
CA VAL B 153 -16.24 -1.06 9.68
C VAL B 153 -16.94 -1.31 8.36
N ARG B 154 -16.63 -0.51 7.34
CA ARG B 154 -17.09 -0.80 5.98
C ARG B 154 -15.86 -0.91 5.11
N PHE B 155 -15.78 -1.98 4.33
CA PHE B 155 -14.61 -2.20 3.50
C PHE B 155 -14.97 -2.57 2.07
N TRP B 156 -14.13 -2.09 1.15
CA TRP B 156 -14.22 -2.34 -0.27
C TRP B 156 -13.01 -3.24 -0.59
N PRO B 157 -13.24 -4.54 -0.86
CA PRO B 157 -12.09 -5.43 -1.12
C PRO B 157 -11.27 -4.96 -2.32
N SER B 158 -9.95 -5.13 -2.24
CA SER B 158 -9.08 -4.64 -3.29
C SER B 158 -9.24 -5.47 -4.56
N LEU B 159 -9.63 -4.81 -5.65
CA LEU B 159 -9.71 -5.47 -6.95
C LEU B 159 -8.34 -5.72 -7.59
N GLU B 160 -7.28 -5.19 -7.00
CA GLU B 160 -5.91 -5.57 -7.33
C GLU B 160 -5.50 -6.92 -6.71
N THR B 161 -6.19 -7.35 -5.66
CA THR B 161 -5.92 -8.65 -4.99
C THR B 161 -6.96 -9.70 -5.35
N PHE B 162 -8.23 -9.35 -5.22
CA PHE B 162 -9.34 -10.27 -5.46
C PHE B 162 -9.77 -10.24 -6.91
N THR B 163 -9.53 -11.36 -7.60
CA THR B 163 -9.78 -11.51 -9.02
C THR B 163 -10.84 -12.58 -9.24
N ASN B 164 -11.43 -12.56 -10.43
CA ASN B 164 -12.42 -13.56 -10.87
C ASN B 164 -13.74 -13.46 -10.09
N VAL B 165 -13.77 -13.91 -8.84
CA VAL B 165 -14.93 -13.76 -7.96
C VAL B 165 -14.72 -12.48 -7.14
N THR B 166 -15.47 -11.43 -7.47
CA THR B 166 -15.34 -10.12 -6.81
C THR B 166 -16.62 -9.64 -6.11
N GLU B 167 -17.70 -10.42 -6.18
CA GLU B 167 -18.99 -10.03 -5.63
C GLU B 167 -19.39 -10.98 -4.51
N PHE B 168 -20.01 -10.43 -3.47
CA PHE B 168 -20.42 -11.23 -2.33
C PHE B 168 -21.71 -12.01 -2.64
N GLU B 169 -21.74 -13.24 -2.17
CA GLU B 169 -22.85 -14.16 -2.35
C GLU B 169 -23.59 -14.17 -1.04
N TYR B 170 -24.84 -13.71 -1.08
CA TYR B 170 -25.69 -13.62 0.09
C TYR B 170 -25.78 -14.93 0.87
N GLU B 171 -26.01 -16.02 0.15
CA GLU B 171 -26.21 -17.35 0.75
C GLU B 171 -25.02 -17.84 1.57
N ILE B 172 -23.81 -17.52 1.11
CA ILE B 172 -22.58 -17.87 1.83
CA ILE B 172 -22.59 -17.88 1.84
C ILE B 172 -22.56 -17.17 3.18
N LEU B 173 -22.86 -15.87 3.19
CA LEU B 173 -22.92 -15.10 4.44
C LEU B 173 -24.09 -15.53 5.34
N ALA B 174 -25.27 -15.72 4.75
CA ALA B 174 -26.45 -16.11 5.52
C ALA B 174 -26.26 -17.45 6.23
N LYS B 175 -25.73 -18.44 5.51
CA LYS B 175 -25.48 -19.77 6.09
C LYS B 175 -24.54 -19.71 7.29
N ARG B 176 -23.43 -18.99 7.13
CA ARG B 176 -22.43 -18.84 8.20
C ARG B 176 -22.98 -18.07 9.41
N LEU B 177 -23.70 -16.98 9.15
CA LEU B 177 -24.23 -16.15 10.24
C LEU B 177 -25.27 -16.94 11.05
N ARG B 178 -26.07 -17.74 10.36
CA ARG B 178 -27.02 -18.64 11.03
C ARG B 178 -26.27 -19.61 11.96
N GLU B 179 -25.21 -20.25 11.45
CA GLU B 179 -24.43 -21.19 12.28
C GLU B 179 -23.84 -20.46 13.49
N LEU B 180 -23.31 -19.25 13.26
CA LEU B 180 -22.75 -18.42 14.34
C LEU B 180 -23.78 -18.02 15.42
N SER B 181 -25.02 -17.77 15.01
CA SER B 181 -26.05 -17.34 15.97
C SER B 181 -26.26 -18.37 17.09
N PHE B 182 -26.23 -19.65 16.75
CA PHE B 182 -26.41 -20.72 17.74
C PHE B 182 -25.25 -20.87 18.76
N LEU B 183 -24.05 -20.44 18.38
CA LEU B 183 -22.89 -20.41 19.29
C LEU B 183 -22.77 -19.13 20.13
N ASN B 184 -23.56 -18.10 19.79
CA ASN B 184 -23.47 -16.79 20.41
C ASN B 184 -24.84 -16.35 20.92
N SER B 185 -25.24 -16.95 22.04
CA SER B 185 -26.55 -16.74 22.61
C SER B 185 -26.79 -15.28 23.00
N GLY B 186 -27.95 -14.77 22.62
CA GLY B 186 -28.33 -13.42 22.96
C GLY B 186 -27.80 -12.36 22.02
N VAL B 187 -27.03 -12.74 21.00
CA VAL B 187 -26.51 -11.79 20.02
C VAL B 187 -27.45 -11.77 18.84
N SER B 188 -28.05 -10.62 18.59
CA SER B 188 -28.89 -10.43 17.41
C SER B 188 -27.98 -10.20 16.19
N ILE B 189 -28.18 -10.97 15.13
CA ILE B 189 -27.40 -10.82 13.88
C ILE B 189 -28.34 -10.54 12.72
N ARG B 190 -28.21 -9.35 12.15
CA ARG B 190 -29.01 -8.95 10.99
C ARG B 190 -28.14 -8.96 9.73
N LEU B 191 -28.69 -9.49 8.64
CA LEU B 191 -28.04 -9.49 7.34
C LEU B 191 -28.96 -8.77 6.37
N ARG B 192 -28.40 -7.84 5.60
CA ARG B 192 -29.16 -6.99 4.70
C ARG B 192 -28.42 -6.92 3.37
N ASP B 193 -29.11 -7.18 2.27
CA ASP B 193 -28.53 -7.04 0.94
C ASP B 193 -29.21 -5.86 0.26
N LYS B 194 -28.47 -4.76 0.09
CA LYS B 194 -28.99 -3.56 -0.57
C LYS B 194 -29.05 -3.68 -2.10
N ARG B 195 -28.49 -4.74 -2.67
CA ARG B 195 -28.56 -4.99 -4.11
C ARG B 195 -29.97 -5.42 -4.55
N ASP B 196 -30.62 -6.26 -3.74
CA ASP B 196 -31.98 -6.74 -4.02
C ASP B 196 -33.00 -6.59 -2.87
N GLY B 197 -32.58 -6.07 -1.72
CA GLY B 197 -33.47 -5.89 -0.58
C GLY B 197 -33.74 -7.13 0.27
N LYS B 198 -33.06 -8.24 -0.01
CA LYS B 198 -33.17 -9.45 0.83
C LYS B 198 -32.62 -9.13 2.22
N GLU B 199 -33.29 -9.62 3.25
CA GLU B 199 -32.77 -9.50 4.62
C GLU B 199 -33.09 -10.74 5.45
N ASP B 200 -32.27 -10.95 6.49
CA ASP B 200 -32.47 -12.04 7.44
C ASP B 200 -32.12 -11.55 8.82
N HIS B 201 -32.70 -12.21 9.82
CA HIS B 201 -32.43 -11.89 11.22
C HIS B 201 -32.24 -13.21 11.96
N PHE B 202 -31.02 -13.42 12.46
CA PHE B 202 -30.67 -14.60 13.25
C PHE B 202 -30.47 -14.18 14.70
N HIS B 203 -31.27 -14.71 15.60
CA HIS B 203 -31.17 -14.36 16.99
C HIS B 203 -31.53 -15.57 17.80
N TYR B 204 -30.56 -16.23 18.40
CA TYR B 204 -30.80 -17.39 19.21
C TYR B 204 -30.67 -17.02 20.67
N GLU B 205 -31.59 -17.47 21.49
CA GLU B 205 -31.64 -17.05 22.87
C GLU B 205 -31.32 -18.05 23.94
N GLY B 206 -30.77 -19.20 23.58
CA GLY B 206 -30.54 -20.33 24.47
C GLY B 206 -29.68 -20.21 25.72
#